data_8P3R
#
_entry.id   8P3R
#
_cell.length_a   41.088
_cell.length_b   59.182
_cell.length_c   66.766
_cell.angle_alpha   90.000
_cell.angle_beta   97.118
_cell.angle_gamma   90.000
#
_symmetry.space_group_name_H-M   'P 1 21 1'
#
loop_
_entity.id
_entity.type
_entity.pdbx_description
1 polymer 'Chemotaxis protein CheA'
2 non-polymer 9~{H}-purine
3 water water
#
_entity_poly.entity_id   1
_entity_poly.type   'polypeptide(L)'
_entity_poly.pdbx_seq_one_letter_code
;GSHMVPISFVFNRFPRMVRDLAKKMNKEVNFIMRGEDTELDRTFVEEIGEPLLHLLRNAIDHGIEPKEERIAKGKPPIGT
LILSARHEGNNVVIEVEDDGRGIDKEKIIRKAIEKGLIDESKAATLSDQEILNFLFVPGFSTKEKVSEVSGRGVGMDVVK
NVVESLNGSISIESEKDKGTKVTIRLPLT
;
_entity_poly.pdbx_strand_id   A,B
#
loop_
_chem_comp.id
_chem_comp.type
_chem_comp.name
_chem_comp.formula
WUT non-polymer 9~{H}-purine 'C5 H4 N4'
#
# COMPACT_ATOMS: atom_id res chain seq x y z
N VAL A 5 -0.56 -14.18 -27.03
CA VAL A 5 -0.83 -15.59 -26.64
C VAL A 5 -1.95 -15.59 -25.60
N PRO A 6 -3.06 -16.37 -25.72
CA PRO A 6 -4.00 -16.44 -24.59
C PRO A 6 -3.33 -17.16 -23.39
N ILE A 7 -3.66 -16.70 -22.17
CA ILE A 7 -3.07 -17.26 -20.97
C ILE A 7 -3.65 -18.66 -20.70
N SER A 8 -4.72 -19.04 -21.41
CA SER A 8 -5.30 -20.39 -21.30
C SER A 8 -4.25 -21.49 -21.62
N PHE A 9 -3.21 -21.17 -22.42
CA PHE A 9 -2.14 -22.15 -22.66
C PHE A 9 -1.55 -22.61 -21.33
N VAL A 10 -1.41 -21.70 -20.38
CA VAL A 10 -1.02 -22.04 -19.02
C VAL A 10 -2.22 -22.44 -18.16
N PHE A 11 -3.27 -21.62 -18.16
CA PHE A 11 -4.31 -21.85 -17.15
C PHE A 11 -4.91 -23.27 -17.28
N ASN A 12 -5.01 -23.80 -18.50
CA ASN A 12 -5.72 -25.05 -18.78
C ASN A 12 -4.99 -26.26 -18.20
N ARG A 13 -3.75 -26.13 -17.77
CA ARG A 13 -3.12 -27.23 -17.10
C ARG A 13 -3.38 -27.24 -15.60
N PHE A 14 -3.97 -26.19 -15.02
CA PHE A 14 -4.04 -26.13 -13.60
C PHE A 14 -5.17 -26.97 -12.92
N PRO A 15 -6.36 -27.09 -13.49
CA PRO A 15 -7.43 -27.80 -12.75
C PRO A 15 -7.10 -29.20 -12.28
N ARG A 16 -6.44 -29.97 -13.15
CA ARG A 16 -5.96 -31.29 -12.74
C ARG A 16 -4.94 -31.22 -11.61
N MET A 17 -4.01 -30.26 -11.66
CA MET A 17 -2.97 -30.14 -10.66
C MET A 17 -3.55 -29.75 -9.31
N VAL A 18 -4.49 -28.80 -9.33
CA VAL A 18 -5.10 -28.36 -8.12
C VAL A 18 -5.85 -29.52 -7.48
N ARG A 19 -6.65 -30.22 -8.27
CA ARG A 19 -7.49 -31.30 -7.75
C ARG A 19 -6.66 -32.46 -7.17
N ASP A 20 -5.51 -32.72 -7.82
CA ASP A 20 -4.52 -33.70 -7.37
C ASP A 20 -3.93 -33.28 -6.04
N LEU A 21 -3.47 -32.00 -5.92
CA LEU A 21 -2.91 -31.52 -4.66
C LEU A 21 -3.96 -31.53 -3.54
N ALA A 22 -5.18 -31.05 -3.86
CA ALA A 22 -6.23 -30.95 -2.84
C ALA A 22 -6.58 -32.33 -2.26
N LYS A 23 -6.74 -33.30 -3.14
CA LYS A 23 -6.99 -34.69 -2.74
C LYS A 23 -5.83 -35.24 -1.88
N LYS A 24 -4.58 -35.14 -2.37
CA LYS A 24 -3.40 -35.46 -1.59
C LYS A 24 -3.48 -34.87 -0.17
N MET A 25 -3.83 -33.59 -0.03
CA MET A 25 -3.67 -32.91 1.24
C MET A 25 -4.97 -32.94 2.02
N ASN A 26 -5.92 -33.71 1.50
CA ASN A 26 -7.17 -33.89 2.18
C ASN A 26 -8.04 -32.63 2.26
N LYS A 27 -8.20 -31.90 1.13
CA LYS A 27 -8.95 -30.65 1.13
C LYS A 27 -10.00 -30.68 0.05
N GLU A 28 -11.15 -30.02 0.30
CA GLU A 28 -12.20 -29.89 -0.67
C GLU A 28 -12.03 -28.47 -1.22
N VAL A 29 -11.68 -28.37 -2.47
CA VAL A 29 -11.43 -27.07 -3.12
C VAL A 29 -12.26 -26.93 -4.38
N ASN A 30 -13.01 -25.84 -4.42
CA ASN A 30 -13.67 -25.36 -5.58
C ASN A 30 -12.74 -24.37 -6.29
N PHE A 31 -12.17 -24.85 -7.39
CA PHE A 31 -11.20 -24.07 -8.13
C PHE A 31 -11.88 -23.37 -9.28
N ILE A 32 -11.77 -22.04 -9.33
CA ILE A 32 -12.46 -21.24 -10.33
C ILE A 32 -11.44 -20.46 -11.15
N MET A 33 -11.51 -20.53 -12.50
CA MET A 33 -10.62 -19.77 -13.33
C MET A 33 -11.43 -18.73 -14.10
N ARG A 34 -10.93 -17.53 -14.16
CA ARG A 34 -11.62 -16.44 -14.82
C ARG A 34 -10.64 -15.75 -15.79
N GLY A 35 -11.15 -15.28 -16.94
CA GLY A 35 -10.32 -14.49 -17.82
C GLY A 35 -9.27 -15.33 -18.56
N GLU A 36 -9.49 -16.64 -18.78
CA GLU A 36 -8.46 -17.47 -19.43
C GLU A 36 -8.22 -17.10 -20.90
N ASP A 37 -9.12 -16.33 -21.53
CA ASP A 37 -8.87 -15.86 -22.89
C ASP A 37 -7.99 -14.62 -22.97
N THR A 38 -7.58 -14.06 -21.83
CA THR A 38 -6.76 -12.87 -21.82
C THR A 38 -5.46 -13.16 -22.55
N GLU A 39 -5.14 -12.29 -23.52
CA GLU A 39 -3.95 -12.47 -24.34
C GLU A 39 -2.85 -11.55 -23.86
N LEU A 40 -1.64 -12.08 -23.81
CA LEU A 40 -0.46 -11.25 -23.69
C LEU A 40 0.75 -11.90 -24.38
N ASP A 41 1.87 -11.24 -24.29
CA ASP A 41 3.10 -11.67 -24.94
C ASP A 41 3.36 -13.12 -24.55
N ARG A 42 3.60 -13.95 -25.55
CA ARG A 42 3.94 -15.36 -25.42
C ARG A 42 5.07 -15.59 -24.42
N THR A 43 6.04 -14.67 -24.35
CA THR A 43 7.12 -14.75 -23.39
C THR A 43 6.60 -14.83 -21.96
N PHE A 44 5.62 -13.97 -21.70
CA PHE A 44 5.08 -13.86 -20.37
C PHE A 44 4.33 -15.13 -20.05
N VAL A 45 3.55 -15.60 -21.01
CA VAL A 45 2.73 -16.76 -20.75
C VAL A 45 3.63 -17.94 -20.40
N GLU A 46 4.76 -18.08 -21.10
CA GLU A 46 5.71 -19.16 -20.84
C GLU A 46 6.28 -19.04 -19.43
N GLU A 47 6.76 -17.86 -19.02
CA GLU A 47 7.50 -17.75 -17.79
C GLU A 47 6.60 -17.66 -16.57
N ILE A 48 5.33 -17.28 -16.72
CA ILE A 48 4.50 -17.01 -15.53
C ILE A 48 3.89 -18.31 -14.98
N GLY A 49 3.93 -19.41 -15.77
CA GLY A 49 3.30 -20.65 -15.36
C GLY A 49 3.88 -21.23 -14.07
N GLU A 50 5.22 -21.29 -13.96
CA GLU A 50 5.87 -21.87 -12.81
C GLU A 50 5.56 -21.08 -11.52
N PRO A 51 5.76 -19.74 -11.49
CA PRO A 51 5.33 -18.92 -10.37
C PRO A 51 3.86 -19.08 -10.00
N LEU A 52 2.97 -19.14 -10.98
CA LEU A 52 1.55 -19.30 -10.67
C LEU A 52 1.31 -20.63 -10.00
N LEU A 53 2.00 -21.66 -10.51
CA LEU A 53 1.90 -23.00 -9.91
C LEU A 53 2.21 -22.94 -8.44
N HIS A 54 3.28 -22.23 -8.08
CA HIS A 54 3.73 -22.10 -6.73
C HIS A 54 2.68 -21.38 -5.90
N LEU A 55 2.08 -20.29 -6.42
CA LEU A 55 1.06 -19.60 -5.67
C LEU A 55 -0.14 -20.49 -5.41
N LEU A 56 -0.54 -21.25 -6.45
CA LEU A 56 -1.70 -22.11 -6.28
C LEU A 56 -1.39 -23.22 -5.26
N ARG A 57 -0.20 -23.81 -5.34
CA ARG A 57 0.24 -24.73 -4.29
C ARG A 57 0.21 -24.14 -2.90
N ASN A 58 0.80 -22.96 -2.72
CA ASN A 58 0.75 -22.26 -1.46
C ASN A 58 -0.67 -22.13 -0.93
N ALA A 59 -1.57 -21.72 -1.79
CA ALA A 59 -2.93 -21.47 -1.33
C ALA A 59 -3.57 -22.78 -0.87
N ILE A 60 -3.37 -23.86 -1.56
CA ILE A 60 -4.01 -25.12 -1.19
C ILE A 60 -3.38 -25.71 0.08
N ASP A 61 -2.05 -25.59 0.19
CA ASP A 61 -1.27 -26.20 1.28
C ASP A 61 -1.35 -25.39 2.57
N HIS A 62 -1.05 -24.09 2.49
CA HIS A 62 -0.98 -23.25 3.64
C HIS A 62 -2.24 -22.46 3.86
N GLY A 63 -3.09 -22.30 2.81
CA GLY A 63 -4.17 -21.34 2.96
C GLY A 63 -5.45 -22.11 3.32
N ILE A 64 -5.95 -22.89 2.36
CA ILE A 64 -7.19 -23.62 2.56
C ILE A 64 -6.97 -24.62 3.68
N GLU A 65 -7.91 -24.66 4.61
CA GLU A 65 -7.80 -25.58 5.73
C GLU A 65 -8.47 -26.90 5.40
N PRO A 66 -8.04 -28.01 6.03
CA PRO A 66 -8.76 -29.28 5.92
C PRO A 66 -10.22 -29.09 6.29
N LYS A 67 -11.08 -29.90 5.66
CA LYS A 67 -12.50 -29.73 5.88
C LYS A 67 -12.90 -29.73 7.37
N GLU A 68 -12.28 -30.63 8.20
CA GLU A 68 -12.58 -30.71 9.60
C GLU A 68 -12.29 -29.39 10.29
N GLU A 69 -11.22 -28.73 9.89
CA GLU A 69 -10.81 -27.46 10.50
C GLU A 69 -11.73 -26.34 10.03
N ARG A 70 -12.17 -26.39 8.75
CA ARG A 70 -13.17 -25.45 8.23
C ARG A 70 -14.47 -25.50 9.00
N ILE A 71 -14.93 -26.72 9.20
CA ILE A 71 -16.15 -26.92 9.97
C ILE A 71 -15.96 -26.43 11.39
N ALA A 72 -14.86 -26.78 12.05
CA ALA A 72 -14.62 -26.32 13.42
C ALA A 72 -14.62 -24.79 13.55
N LYS A 73 -14.20 -24.06 12.53
CA LYS A 73 -14.20 -22.63 12.53
C LYS A 73 -15.52 -22.04 12.03
N GLY A 74 -16.48 -22.86 11.63
CA GLY A 74 -17.72 -22.34 11.06
C GLY A 74 -17.61 -21.76 9.66
N LYS A 75 -16.63 -22.24 8.87
CA LYS A 75 -16.51 -21.87 7.45
C LYS A 75 -17.23 -22.90 6.60
N PRO A 76 -17.56 -22.58 5.35
CA PRO A 76 -18.02 -23.58 4.37
C PRO A 76 -16.97 -24.68 4.30
N PRO A 77 -17.36 -25.95 4.36
CA PRO A 77 -16.39 -27.04 4.28
C PRO A 77 -15.58 -27.04 2.99
N ILE A 78 -16.17 -26.55 1.91
CA ILE A 78 -15.45 -26.44 0.65
C ILE A 78 -14.73 -25.10 0.58
N GLY A 79 -13.42 -25.16 0.35
CA GLY A 79 -12.64 -23.95 0.18
C GLY A 79 -12.73 -23.47 -1.28
N THR A 80 -12.56 -22.18 -1.48
CA THR A 80 -12.57 -21.59 -2.79
C THR A 80 -11.17 -21.06 -3.13
N LEU A 81 -10.74 -21.34 -4.35
CA LEU A 81 -9.48 -20.87 -4.92
C LEU A 81 -9.78 -20.29 -6.29
N ILE A 82 -9.47 -19.03 -6.50
CA ILE A 82 -9.82 -18.33 -7.71
C ILE A 82 -8.55 -17.86 -8.42
N LEU A 83 -8.38 -18.26 -9.70
CA LEU A 83 -7.24 -17.76 -10.48
C LEU A 83 -7.85 -16.90 -11.58
N SER A 84 -7.49 -15.63 -11.68
CA SER A 84 -8.11 -14.78 -12.70
C SER A 84 -7.06 -13.97 -13.43
N ALA A 85 -7.37 -13.63 -14.70
CA ALA A 85 -6.56 -12.72 -15.47
C ALA A 85 -7.51 -11.69 -16.11
N ARG A 86 -7.03 -10.44 -16.23
CA ARG A 86 -7.83 -9.42 -16.91
C ARG A 86 -6.90 -8.34 -17.42
N HIS A 87 -7.39 -7.58 -18.40
CA HIS A 87 -6.75 -6.35 -18.86
C HIS A 87 -7.02 -5.21 -17.91
N GLU A 88 -5.99 -4.40 -17.67
CA GLU A 88 -6.15 -3.14 -16.95
C GLU A 88 -5.28 -2.10 -17.66
N GLY A 89 -5.94 -1.33 -18.56
CA GLY A 89 -5.23 -0.46 -19.48
C GLY A 89 -4.29 -1.28 -20.34
N ASN A 90 -3.01 -0.97 -20.40
CA ASN A 90 -2.12 -1.79 -21.21
C ASN A 90 -1.34 -2.75 -20.31
N ASN A 91 -1.84 -3.02 -19.10
CA ASN A 91 -1.31 -4.09 -18.26
C ASN A 91 -2.26 -5.27 -18.28
N VAL A 92 -1.75 -6.38 -17.76
CA VAL A 92 -2.56 -7.53 -17.44
C VAL A 92 -2.34 -7.80 -15.95
N VAL A 93 -3.42 -7.99 -15.24
CA VAL A 93 -3.44 -8.31 -13.83
C VAL A 93 -3.88 -9.77 -13.66
N ILE A 94 -3.09 -10.54 -12.93
CA ILE A 94 -3.41 -11.91 -12.61
C ILE A 94 -3.51 -12.01 -11.09
N GLU A 95 -4.57 -12.62 -10.59
CA GLU A 95 -4.83 -12.70 -9.16
C GLU A 95 -5.02 -14.17 -8.77
N VAL A 96 -4.51 -14.51 -7.60
CA VAL A 96 -4.72 -15.81 -6.97
C VAL A 96 -5.29 -15.54 -5.62
N GLU A 97 -6.56 -15.90 -5.40
CA GLU A 97 -7.28 -15.62 -4.16
C GLU A 97 -7.80 -16.93 -3.55
N ASP A 98 -7.63 -17.08 -2.26
CA ASP A 98 -8.21 -18.19 -1.50
C ASP A 98 -8.99 -17.65 -0.31
N ASP A 99 -9.95 -18.42 0.16
CA ASP A 99 -10.70 -18.11 1.40
C ASP A 99 -10.19 -18.96 2.58
N GLY A 100 -8.87 -19.11 2.67
CA GLY A 100 -8.28 -19.92 3.71
C GLY A 100 -7.97 -19.15 4.98
N ARG A 101 -6.88 -19.59 5.62
CA ARG A 101 -6.64 -19.21 6.99
C ARG A 101 -5.99 -17.84 7.08
N GLY A 102 -5.54 -17.32 5.95
CA GLY A 102 -4.91 -16.00 5.93
C GLY A 102 -3.45 -16.16 6.38
N ILE A 103 -2.66 -15.12 6.21
CA ILE A 103 -1.31 -15.04 6.67
C ILE A 103 -1.28 -14.40 8.05
N ASP A 104 -0.48 -14.96 8.97
CA ASP A 104 -0.48 -14.37 10.33
C ASP A 104 0.53 -13.22 10.35
N LYS A 105 0.08 -11.99 10.27
CA LYS A 105 1.01 -10.87 10.27
C LYS A 105 1.83 -10.74 11.57
N GLU A 106 1.23 -11.18 12.69
CA GLU A 106 1.93 -11.17 13.97
C GLU A 106 3.12 -12.11 13.95
N LYS A 107 2.94 -13.28 13.36
CA LYS A 107 4.01 -14.22 13.20
C LYS A 107 5.13 -13.67 12.33
N ILE A 108 4.76 -12.96 11.27
CA ILE A 108 5.75 -12.37 10.42
C ILE A 108 6.64 -11.37 11.18
N ILE A 109 6.03 -10.51 11.96
CA ILE A 109 6.75 -9.53 12.73
C ILE A 109 7.66 -10.23 13.73
N ARG A 110 7.12 -11.25 14.40
CA ARG A 110 7.91 -12.03 15.35
C ARG A 110 9.18 -12.60 14.70
N LYS A 111 9.03 -13.20 13.56
CA LYS A 111 10.16 -13.79 12.84
C LYS A 111 11.15 -12.73 12.37
N ALA A 112 10.63 -11.60 11.90
CA ALA A 112 11.50 -10.53 11.48
C ALA A 112 12.33 -9.99 12.64
N ILE A 113 11.76 -9.91 13.82
CA ILE A 113 12.50 -9.45 14.99
C ILE A 113 13.54 -10.51 15.35
N GLU A 114 13.13 -11.76 15.32
CA GLU A 114 13.99 -12.88 15.64
C GLU A 114 15.19 -12.87 14.71
N LYS A 115 14.99 -12.61 13.42
CA LYS A 115 16.05 -12.70 12.43
C LYS A 115 16.87 -11.43 12.40
N GLY A 116 16.46 -10.41 13.16
CA GLY A 116 17.21 -9.19 13.30
C GLY A 116 16.99 -8.21 12.16
N LEU A 117 15.88 -8.36 11.42
CA LEU A 117 15.60 -7.48 10.30
C LEU A 117 14.98 -6.18 10.78
N ILE A 118 14.35 -6.21 11.97
CA ILE A 118 13.74 -5.03 12.52
C ILE A 118 13.75 -5.13 14.02
N ASP A 119 13.60 -4.01 14.68
CA ASP A 119 13.63 -4.04 16.13
C ASP A 119 12.22 -3.77 16.59
N GLU A 120 11.95 -4.22 17.82
CA GLU A 120 10.63 -4.33 18.38
C GLU A 120 9.95 -2.98 18.38
N SER A 121 10.73 -1.92 18.62
CA SER A 121 10.14 -0.59 18.80
C SER A 121 9.38 -0.12 17.54
N LYS A 122 9.80 -0.50 16.36
CA LYS A 122 9.13 -0.11 15.12
C LYS A 122 7.84 -0.89 14.79
N ALA A 123 7.60 -2.01 15.46
CA ALA A 123 6.65 -2.95 14.93
C ALA A 123 5.22 -2.45 15.15
N ALA A 124 5.02 -1.59 16.15
CA ALA A 124 3.69 -1.16 16.58
C ALA A 124 3.01 -0.43 15.44
N THR A 125 3.78 0.25 14.58
CA THR A 125 3.15 1.09 13.53
C THR A 125 3.45 0.65 12.11
N LEU A 126 4.02 -0.54 11.85
CA LEU A 126 4.43 -0.95 10.51
C LEU A 126 3.22 -1.07 9.63
N SER A 127 3.32 -0.74 8.32
CA SER A 127 2.13 -0.92 7.46
C SER A 127 1.90 -2.38 7.12
N ASP A 128 0.68 -2.70 6.68
CA ASP A 128 0.30 -4.03 6.27
C ASP A 128 1.20 -4.53 5.14
N GLN A 129 1.42 -3.65 4.17
CA GLN A 129 2.17 -4.04 3.00
C GLN A 129 3.62 -4.21 3.39
N GLU A 130 4.12 -3.39 4.32
CA GLU A 130 5.51 -3.52 4.74
C GLU A 130 5.70 -4.86 5.45
N ILE A 131 4.69 -5.27 6.23
CA ILE A 131 4.76 -6.54 6.95
C ILE A 131 4.74 -7.68 5.94
N LEU A 132 3.75 -7.65 4.98
CA LEU A 132 3.62 -8.78 4.07
C LEU A 132 4.80 -8.92 3.12
N ASN A 133 5.44 -7.83 2.82
CA ASN A 133 6.66 -7.81 2.01
C ASN A 133 7.86 -8.59 2.58
N PHE A 134 7.89 -8.80 3.89
CA PHE A 134 8.88 -9.73 4.43
C PHE A 134 8.83 -11.10 3.78
N LEU A 135 7.67 -11.51 3.29
CA LEU A 135 7.57 -12.84 2.75
C LEU A 135 8.43 -13.01 1.51
N PHE A 136 8.84 -11.93 0.93
CA PHE A 136 9.68 -12.02 -0.25
C PHE A 136 11.17 -12.11 0.06
N VAL A 137 11.55 -11.91 1.31
CA VAL A 137 12.96 -11.95 1.71
C VAL A 137 13.46 -13.38 1.67
N PRO A 138 14.59 -13.68 0.97
CA PRO A 138 15.04 -15.07 0.85
C PRO A 138 15.31 -15.72 2.21
N GLY A 139 14.78 -16.93 2.35
CA GLY A 139 14.97 -17.71 3.56
C GLY A 139 13.96 -17.37 4.65
N PHE A 140 13.01 -16.46 4.36
CA PHE A 140 12.19 -15.95 5.43
C PHE A 140 11.26 -17.06 5.88
N SER A 141 10.68 -17.81 4.95
CA SER A 141 9.90 -18.99 5.32
C SER A 141 10.36 -20.19 4.49
N VAL A 154 10.66 -22.09 -6.14
CA VAL A 154 9.73 -22.69 -5.17
C VAL A 154 9.49 -21.74 -4.00
N GLY A 155 10.31 -20.71 -3.76
CA GLY A 155 9.98 -19.74 -2.72
C GLY A 155 9.32 -18.46 -3.24
N MET A 156 8.84 -17.62 -2.30
CA MET A 156 8.16 -16.39 -2.65
C MET A 156 9.16 -15.39 -3.19
N ASP A 157 10.43 -15.42 -2.68
CA ASP A 157 11.50 -14.59 -3.24
C ASP A 157 11.66 -14.86 -4.74
N VAL A 158 11.68 -16.14 -5.12
CA VAL A 158 11.85 -16.51 -6.51
C VAL A 158 10.64 -16.08 -7.31
N VAL A 159 9.40 -16.20 -6.79
CA VAL A 159 8.23 -15.70 -7.55
C VAL A 159 8.44 -14.21 -7.81
N LYS A 160 8.82 -13.46 -6.79
CA LYS A 160 9.05 -12.04 -6.98
C LYS A 160 10.15 -11.77 -8.01
N ASN A 161 11.21 -12.56 -8.00
CA ASN A 161 12.31 -12.37 -8.94
C ASN A 161 11.91 -12.63 -10.37
N VAL A 162 11.12 -13.66 -10.63
CA VAL A 162 10.59 -13.88 -11.96
C VAL A 162 9.71 -12.71 -12.40
N VAL A 163 8.76 -12.28 -11.52
CA VAL A 163 7.89 -11.21 -11.93
C VAL A 163 8.67 -9.96 -12.33
N GLU A 164 9.63 -9.60 -11.48
CA GLU A 164 10.46 -8.44 -11.69
C GLU A 164 11.32 -8.58 -12.93
N SER A 165 11.73 -9.80 -13.27
CA SER A 165 12.42 -10.07 -14.52
C SER A 165 11.54 -9.78 -15.74
N LEU A 166 10.21 -9.79 -15.57
CA LEU A 166 9.26 -9.57 -16.64
C LEU A 166 8.77 -8.12 -16.63
N ASN A 167 9.42 -7.27 -15.82
CA ASN A 167 9.01 -5.89 -15.65
C ASN A 167 7.68 -5.76 -14.98
N GLY A 168 7.34 -6.74 -14.14
CA GLY A 168 6.06 -6.72 -13.46
C GLY A 168 6.20 -6.31 -12.00
N SER A 169 5.07 -6.33 -11.28
CA SER A 169 4.99 -6.04 -9.87
C SER A 169 4.10 -7.08 -9.22
N ILE A 170 4.33 -7.32 -7.92
CA ILE A 170 3.58 -8.31 -7.20
C ILE A 170 3.21 -7.73 -5.85
N SER A 171 2.02 -8.07 -5.35
CA SER A 171 1.55 -7.64 -4.04
C SER A 171 0.71 -8.76 -3.40
N ILE A 172 0.69 -8.75 -2.08
CA ILE A 172 -0.02 -9.68 -1.27
C ILE A 172 -0.97 -8.88 -0.38
N GLU A 173 -2.19 -9.38 -0.30
CA GLU A 173 -3.20 -8.92 0.66
C GLU A 173 -3.74 -10.07 1.46
N SER A 174 -4.00 -9.90 2.76
CA SER A 174 -4.46 -11.04 3.52
C SER A 174 -5.19 -10.53 4.77
N GLU A 175 -6.06 -11.39 5.28
CA GLU A 175 -6.72 -11.12 6.55
C GLU A 175 -6.90 -12.44 7.25
N LYS A 176 -6.46 -12.48 8.52
CA LYS A 176 -6.50 -13.68 9.33
C LYS A 176 -7.89 -14.32 9.35
N ASP A 177 -7.94 -15.63 9.09
CA ASP A 177 -9.16 -16.41 9.00
C ASP A 177 -10.03 -16.12 7.79
N LYS A 178 -9.74 -15.12 6.96
CA LYS A 178 -10.61 -14.80 5.87
C LYS A 178 -10.00 -15.29 4.55
N GLY A 179 -8.71 -15.13 4.38
CA GLY A 179 -8.01 -15.57 3.18
C GLY A 179 -6.95 -14.61 2.65
N THR A 180 -6.47 -14.91 1.43
CA THR A 180 -5.27 -14.26 0.93
C THR A 180 -5.44 -13.99 -0.56
N LYS A 181 -4.95 -12.84 -1.02
CA LYS A 181 -4.95 -12.53 -2.44
C LYS A 181 -3.56 -12.05 -2.87
N VAL A 182 -3.01 -12.74 -3.85
CA VAL A 182 -1.75 -12.38 -4.48
C VAL A 182 -2.06 -11.81 -5.88
N THR A 183 -1.53 -10.63 -6.19
CA THR A 183 -1.80 -9.94 -7.41
C THR A 183 -0.49 -9.71 -8.16
N ILE A 184 -0.48 -10.09 -9.44
CA ILE A 184 0.67 -9.88 -10.32
C ILE A 184 0.24 -8.96 -11.45
N ARG A 185 0.96 -7.84 -11.65
CA ARG A 185 0.72 -6.96 -12.77
C ARG A 185 1.87 -7.10 -13.74
N LEU A 186 1.60 -7.40 -15.01
CA LEU A 186 2.60 -7.51 -16.05
C LEU A 186 2.25 -6.48 -17.12
N PRO A 187 3.23 -6.02 -17.88
CA PRO A 187 2.97 -5.22 -19.07
C PRO A 187 2.44 -6.19 -20.16
N LEU A 188 1.74 -5.63 -21.17
CA LEU A 188 1.24 -6.41 -22.30
C LEU A 188 2.38 -6.92 -23.14
N THR A 189 3.28 -5.97 -23.38
CA THR A 189 4.49 -6.01 -24.21
C THR A 189 4.21 -6.63 -25.56
N VAL B 5 -0.28 14.71 26.92
CA VAL B 5 -1.05 15.99 26.82
C VAL B 5 -2.13 15.81 25.78
N PRO B 6 -3.19 16.65 25.74
CA PRO B 6 -3.96 16.83 24.51
C PRO B 6 -3.06 17.36 23.38
N ILE B 7 -3.35 16.91 22.16
CA ILE B 7 -2.57 17.34 21.01
C ILE B 7 -2.87 18.82 20.66
N SER B 8 -3.93 19.37 21.22
CA SER B 8 -4.28 20.78 21.12
C SER B 8 -3.10 21.68 21.51
N PHE B 9 -2.14 21.24 22.33
CA PHE B 9 -0.96 22.04 22.68
C PHE B 9 -0.16 22.39 21.43
N VAL B 10 -0.20 21.47 20.46
CA VAL B 10 0.40 21.65 19.16
C VAL B 10 -0.64 22.26 18.21
N PHE B 11 -1.85 21.68 18.14
CA PHE B 11 -2.77 22.07 17.10
C PHE B 11 -3.21 23.52 17.28
N ASN B 12 -3.14 24.07 18.51
CA ASN B 12 -3.62 25.43 18.74
C ASN B 12 -2.72 26.47 18.09
N ARG B 13 -1.51 26.08 17.70
CA ARG B 13 -0.64 27.03 17.07
C ARG B 13 -1.00 27.12 15.58
N PHE B 14 -1.72 26.13 15.00
CA PHE B 14 -1.80 26.07 13.56
C PHE B 14 -2.74 27.08 12.90
N PRO B 15 -3.91 27.42 13.45
CA PRO B 15 -4.73 28.39 12.73
C PRO B 15 -3.96 29.66 12.43
N ARG B 16 -3.12 30.16 13.36
CA ARG B 16 -2.36 31.35 13.01
C ARG B 16 -1.34 31.14 11.92
N MET B 17 -0.65 29.99 11.94
CA MET B 17 0.35 29.73 10.93
C MET B 17 -0.25 29.52 9.54
N VAL B 18 -1.34 28.78 9.48
CA VAL B 18 -2.07 28.59 8.23
C VAL B 18 -2.56 29.93 7.70
N ARG B 19 -3.19 30.74 8.53
CA ARG B 19 -3.66 32.06 8.08
C ARG B 19 -2.50 32.95 7.59
N ASP B 20 -1.33 32.89 8.21
CA ASP B 20 -0.17 33.69 7.81
C ASP B 20 0.38 33.16 6.48
N LEU B 21 0.39 31.85 6.28
CA LEU B 21 0.91 31.27 5.05
C LEU B 21 -0.03 31.52 3.91
N ALA B 22 -1.35 31.34 4.17
CA ALA B 22 -2.37 31.64 3.19
C ALA B 22 -2.26 33.11 2.74
N LYS B 23 -2.09 34.04 3.68
CA LYS B 23 -1.93 35.46 3.33
C LYS B 23 -0.65 35.69 2.49
N LYS B 24 0.50 35.22 2.96
CA LYS B 24 1.74 35.26 2.18
C LYS B 24 1.55 34.72 0.77
N MET B 25 0.85 33.61 0.57
CA MET B 25 0.78 32.99 -0.75
C MET B 25 -0.47 33.46 -1.46
N ASN B 26 -1.08 34.50 -0.90
CA ASN B 26 -2.26 35.12 -1.44
C ASN B 26 -3.32 34.08 -1.79
N LYS B 27 -3.55 33.12 -0.89
CA LYS B 27 -4.36 31.96 -1.21
C LYS B 27 -5.45 31.82 -0.16
N GLU B 28 -6.66 31.46 -0.57
CA GLU B 28 -7.80 31.35 0.32
C GLU B 28 -7.88 29.89 0.79
N VAL B 29 -8.08 29.65 2.10
CA VAL B 29 -8.03 28.30 2.71
C VAL B 29 -9.09 28.18 3.79
N ASN B 30 -9.92 27.15 3.75
CA ASN B 30 -10.84 26.84 4.82
C ASN B 30 -10.20 25.77 5.70
N PHE B 31 -9.72 26.18 6.88
CA PHE B 31 -8.90 25.31 7.70
C PHE B 31 -9.75 24.74 8.82
N ILE B 32 -9.81 23.40 8.92
CA ILE B 32 -10.60 22.74 9.95
C ILE B 32 -9.71 21.80 10.74
N MET B 33 -9.85 21.82 12.09
CA MET B 33 -9.14 20.97 13.01
C MET B 33 -10.19 20.11 13.69
N ARG B 34 -9.93 18.82 13.73
CA ARG B 34 -10.78 17.84 14.44
C ARG B 34 -9.94 16.92 15.34
N GLY B 35 -10.57 16.44 16.45
CA GLY B 35 -9.88 15.53 17.34
C GLY B 35 -8.82 16.19 18.22
N GLU B 36 -8.87 17.52 18.44
CA GLU B 36 -7.78 18.20 19.14
C GLU B 36 -7.61 17.79 20.62
N ASP B 37 -8.60 17.09 21.17
CA ASP B 37 -8.51 16.64 22.56
C ASP B 37 -7.84 15.30 22.70
N THR B 38 -7.49 14.66 21.56
CA THR B 38 -6.69 13.46 21.55
C THR B 38 -5.43 13.63 22.36
N GLU B 39 -5.23 12.72 23.32
CA GLU B 39 -4.12 12.81 24.23
C GLU B 39 -3.02 11.89 23.82
N LEU B 40 -1.78 12.34 23.97
CA LEU B 40 -0.67 11.43 23.81
C LEU B 40 0.55 11.92 24.58
N ASP B 41 1.53 11.04 24.62
CA ASP B 41 2.71 11.20 25.45
C ASP B 41 3.33 12.53 25.07
N ARG B 42 3.84 13.21 26.11
CA ARG B 42 4.49 14.47 26.00
C ARG B 42 5.63 14.43 25.00
N THR B 43 6.37 13.34 24.92
CA THR B 43 7.48 13.32 23.96
C THR B 43 6.99 13.56 22.54
N PHE B 44 5.86 12.91 22.24
CA PHE B 44 5.34 13.02 20.90
C PHE B 44 4.88 14.46 20.64
N VAL B 45 4.19 15.01 21.62
CA VAL B 45 3.61 16.34 21.46
C VAL B 45 4.71 17.36 21.23
N GLU B 46 5.85 17.18 21.87
CA GLU B 46 6.99 18.08 21.69
C GLU B 46 7.62 17.98 20.30
N GLU B 47 7.51 16.83 19.60
CA GLU B 47 8.28 16.55 18.38
C GLU B 47 7.40 16.56 17.10
N ILE B 48 6.10 16.38 17.27
CA ILE B 48 5.20 16.21 16.11
C ILE B 48 4.79 17.53 15.44
N GLY B 49 4.98 18.67 16.14
CA GLY B 49 4.63 19.96 15.57
C GLY B 49 5.39 20.33 14.29
N GLU B 50 6.70 20.10 14.27
CA GLU B 50 7.53 20.44 13.12
C GLU B 50 7.08 19.69 11.85
N PRO B 51 7.06 18.35 11.83
CA PRO B 51 6.54 17.61 10.68
C PRO B 51 5.16 18.04 10.26
N LEU B 52 4.25 18.30 11.22
CA LEU B 52 2.90 18.68 10.82
C LEU B 52 2.91 20.04 10.14
N LEU B 53 3.70 20.97 10.66
CA LEU B 53 3.78 22.25 10.01
C LEU B 53 4.31 22.17 8.59
N HIS B 54 5.30 21.27 8.36
CA HIS B 54 5.81 21.07 7.04
C HIS B 54 4.66 20.55 6.13
N LEU B 55 3.90 19.57 6.62
CA LEU B 55 2.80 19.03 5.81
C LEU B 55 1.75 20.11 5.48
N LEU B 56 1.39 20.94 6.49
CA LEU B 56 0.38 21.94 6.26
C LEU B 56 0.91 23.01 5.27
N ARG B 57 2.18 23.37 5.40
CA ARG B 57 2.76 24.29 4.42
C ARG B 57 2.68 23.72 3.02
N ASN B 58 3.11 22.47 2.83
CA ASN B 58 3.07 21.84 1.55
C ASN B 58 1.66 21.80 0.97
N ALA B 59 0.65 21.54 1.81
CA ALA B 59 -0.70 21.50 1.30
C ALA B 59 -1.12 22.88 0.81
N ILE B 60 -0.74 23.95 1.52
CA ILE B 60 -1.20 25.29 1.19
C ILE B 60 -0.48 25.74 -0.08
N ASP B 61 0.84 25.47 -0.16
CA ASP B 61 1.67 25.91 -1.27
C ASP B 61 1.43 25.08 -2.54
N HIS B 62 1.62 23.76 -2.49
CA HIS B 62 1.53 22.93 -3.65
C HIS B 62 0.17 22.30 -3.86
N GLY B 63 -0.69 22.32 -2.86
CA GLY B 63 -1.94 21.54 -3.06
C GLY B 63 -3.09 22.47 -3.48
N ILE B 64 -3.52 23.28 -2.52
CA ILE B 64 -4.70 24.14 -2.68
C ILE B 64 -4.38 25.07 -3.83
N GLU B 65 -5.33 25.20 -4.75
CA GLU B 65 -5.18 26.08 -5.90
C GLU B 65 -5.80 27.42 -5.59
N PRO B 66 -5.36 28.50 -6.29
CA PRO B 66 -6.04 29.78 -6.16
C PRO B 66 -7.53 29.63 -6.47
N LYS B 67 -8.31 30.45 -5.78
CA LYS B 67 -9.78 30.39 -5.99
C LYS B 67 -10.18 30.46 -7.48
N GLU B 68 -9.58 31.39 -8.23
CA GLU B 68 -9.91 31.56 -9.65
C GLU B 68 -9.66 30.26 -10.40
N GLU B 69 -8.55 29.55 -10.10
CA GLU B 69 -8.26 28.29 -10.73
C GLU B 69 -9.24 27.18 -10.33
N ARG B 70 -9.67 27.14 -9.03
CA ARG B 70 -10.68 26.18 -8.60
C ARG B 70 -12.02 26.44 -9.29
N ILE B 71 -12.46 27.70 -9.33
CA ILE B 71 -13.69 28.04 -10.04
C ILE B 71 -13.59 27.60 -11.50
N ALA B 72 -12.46 27.85 -12.14
CA ALA B 72 -12.28 27.47 -13.55
C ALA B 72 -12.36 25.97 -13.73
N LYS B 73 -11.96 25.17 -12.75
CA LYS B 73 -12.03 23.73 -12.85
C LYS B 73 -13.34 23.18 -12.30
N GLY B 74 -14.26 24.06 -11.91
CA GLY B 74 -15.54 23.57 -11.34
C GLY B 74 -15.44 22.99 -9.94
N LYS B 75 -14.50 23.45 -9.12
CA LYS B 75 -14.39 23.02 -7.74
C LYS B 75 -15.08 24.01 -6.84
N PRO B 76 -15.42 23.67 -5.59
CA PRO B 76 -15.77 24.65 -4.56
C PRO B 76 -14.69 25.71 -4.52
N PRO B 77 -15.04 27.00 -4.58
CA PRO B 77 -14.04 28.03 -4.81
C PRO B 77 -12.90 28.02 -3.81
N ILE B 78 -13.22 27.86 -2.51
CA ILE B 78 -12.22 27.95 -1.48
C ILE B 78 -11.71 26.54 -1.16
N GLY B 79 -10.40 26.28 -1.19
CA GLY B 79 -9.82 25.00 -0.81
C GLY B 79 -9.95 24.70 0.68
N THR B 80 -10.10 23.41 0.99
CA THR B 80 -10.23 22.97 2.36
C THR B 80 -9.01 22.15 2.77
N LEU B 81 -8.55 22.40 3.99
CA LEU B 81 -7.42 21.75 4.63
C LEU B 81 -7.94 21.26 5.99
N ILE B 82 -7.86 19.96 6.20
CA ILE B 82 -8.39 19.34 7.41
C ILE B 82 -7.28 18.62 8.14
N LEU B 83 -7.05 19.00 9.41
CA LEU B 83 -6.08 18.36 10.26
C LEU B 83 -6.87 17.66 11.35
N SER B 84 -6.64 16.38 11.53
CA SER B 84 -7.40 15.61 12.51
C SER B 84 -6.51 14.61 13.24
N ALA B 85 -6.93 14.30 14.50
CA ALA B 85 -6.30 13.28 15.30
C ALA B 85 -7.35 12.33 15.88
N ARG B 86 -7.00 11.05 16.03
CA ARG B 86 -7.92 10.12 16.69
C ARG B 86 -7.11 8.97 17.26
N HIS B 87 -7.75 8.27 18.22
CA HIS B 87 -7.24 7.02 18.74
C HIS B 87 -7.54 5.87 17.75
N GLU B 88 -6.55 5.02 17.49
CA GLU B 88 -6.85 3.73 16.85
C GLU B 88 -6.09 2.63 17.59
N GLY B 89 -6.81 1.96 18.51
CA GLY B 89 -6.18 0.94 19.32
C GLY B 89 -5.29 1.60 20.36
N ASN B 90 -4.04 1.19 20.48
CA ASN B 90 -3.11 1.95 21.30
C ASN B 90 -2.32 2.95 20.46
N ASN B 91 -2.71 3.16 19.20
CA ASN B 91 -1.97 4.15 18.41
C ASN B 91 -2.82 5.44 18.29
N VAL B 92 -2.13 6.53 17.92
CA VAL B 92 -2.84 7.74 17.54
C VAL B 92 -2.56 8.02 16.04
N VAL B 93 -3.61 8.32 15.30
CA VAL B 93 -3.51 8.56 13.86
C VAL B 93 -3.82 10.07 13.63
N ILE B 94 -2.95 10.72 12.89
CA ILE B 94 -3.08 12.14 12.59
C ILE B 94 -3.08 12.25 11.06
N GLU B 95 -4.05 12.94 10.52
CA GLU B 95 -4.23 13.09 9.10
C GLU B 95 -4.19 14.57 8.71
N VAL B 96 -3.59 14.84 7.57
CA VAL B 96 -3.64 16.17 6.96
C VAL B 96 -4.16 15.98 5.53
N GLU B 97 -5.38 16.48 5.29
CA GLU B 97 -6.08 16.23 4.04
C GLU B 97 -6.39 17.59 3.38
N ASP B 98 -6.15 17.70 2.08
CA ASP B 98 -6.47 18.87 1.29
C ASP B 98 -7.27 18.39 0.08
N ASP B 99 -8.12 19.28 -0.43
CA ASP B 99 -8.90 18.99 -1.63
C ASP B 99 -8.31 19.80 -2.79
N GLY B 100 -6.94 19.94 -2.82
CA GLY B 100 -6.31 20.62 -3.92
C GLY B 100 -6.03 19.80 -5.15
N ARG B 101 -4.86 20.13 -5.79
CA ARG B 101 -4.64 19.71 -7.17
C ARG B 101 -4.07 18.31 -7.18
N GLY B 102 -3.67 17.80 -6.05
CA GLY B 102 -3.19 16.45 -5.91
C GLY B 102 -1.72 16.39 -6.38
N ILE B 103 -1.12 15.22 -6.22
CA ILE B 103 0.26 15.02 -6.69
C ILE B 103 0.23 14.39 -8.09
N ASP B 104 1.04 14.88 -9.01
CA ASP B 104 1.04 14.36 -10.37
C ASP B 104 1.93 13.10 -10.39
N LYS B 105 1.32 11.94 -10.48
CA LYS B 105 2.07 10.69 -10.52
C LYS B 105 2.90 10.46 -11.79
N GLU B 106 2.47 11.06 -12.89
CA GLU B 106 3.26 11.05 -14.12
C GLU B 106 4.54 11.84 -13.94
N LYS B 107 4.44 12.99 -13.30
CA LYS B 107 5.63 13.75 -13.02
C LYS B 107 6.60 13.01 -12.12
N ILE B 108 6.08 12.33 -11.10
CA ILE B 108 6.98 11.54 -10.26
C ILE B 108 7.76 10.53 -11.05
N ILE B 109 7.05 9.78 -11.92
CA ILE B 109 7.71 8.78 -12.72
C ILE B 109 8.76 9.38 -13.62
N ARG B 110 8.40 10.47 -14.34
CA ARG B 110 9.38 11.12 -15.18
C ARG B 110 10.64 11.51 -14.42
N LYS B 111 10.43 12.06 -13.22
CA LYS B 111 11.57 12.45 -12.39
C LYS B 111 12.39 11.26 -11.94
N ALA B 112 11.71 10.17 -11.59
CA ALA B 112 12.39 8.98 -11.12
C ALA B 112 13.26 8.40 -12.25
N ILE B 113 12.76 8.44 -13.50
CA ILE B 113 13.49 7.99 -14.66
C ILE B 113 14.69 8.90 -14.88
N GLU B 114 14.46 10.23 -14.84
CA GLU B 114 15.52 11.16 -15.05
C GLU B 114 16.63 10.99 -13.98
N LYS B 115 16.28 10.60 -12.77
CA LYS B 115 17.24 10.45 -11.71
C LYS B 115 17.88 9.05 -11.71
N GLY B 116 17.51 8.21 -12.66
CA GLY B 116 18.07 6.90 -12.82
C GLY B 116 17.57 5.85 -11.82
N LEU B 117 16.47 6.12 -11.07
CA LEU B 117 15.96 5.21 -10.05
C LEU B 117 15.07 4.12 -10.64
N ILE B 118 14.63 4.24 -11.87
CA ILE B 118 13.88 3.19 -12.51
C ILE B 118 13.93 3.36 -14.00
N ASP B 119 13.57 2.32 -14.78
CA ASP B 119 13.47 2.55 -16.23
C ASP B 119 12.03 2.53 -16.67
N GLU B 120 11.78 2.91 -17.93
CA GLU B 120 10.43 3.10 -18.44
C GLU B 120 9.67 1.79 -18.30
N SER B 121 10.39 0.70 -18.58
CA SER B 121 9.77 -0.62 -18.69
C SER B 121 9.14 -1.00 -17.38
N LYS B 122 9.91 -0.75 -16.32
CA LYS B 122 9.40 -1.04 -14.99
C LYS B 122 8.37 -0.05 -14.47
N ALA B 123 8.34 1.19 -15.02
CA ALA B 123 7.43 2.15 -14.45
C ALA B 123 5.97 1.79 -14.77
N ALA B 124 5.74 1.16 -15.89
CA ALA B 124 4.43 0.82 -16.42
C ALA B 124 3.62 0.00 -15.42
N THR B 125 4.24 -0.83 -14.57
CA THR B 125 3.44 -1.69 -13.70
C THR B 125 3.48 -1.30 -12.23
N LEU B 126 4.02 -0.11 -11.89
CA LEU B 126 4.13 0.31 -10.51
C LEU B 126 2.76 0.56 -9.96
N SER B 127 2.54 0.20 -8.73
CA SER B 127 1.31 0.61 -8.06
C SER B 127 1.37 2.09 -7.68
N ASP B 128 0.23 2.61 -7.26
CA ASP B 128 0.09 3.97 -6.77
C ASP B 128 0.94 4.19 -5.54
N GLN B 129 0.91 3.23 -4.60
CA GLN B 129 1.70 3.39 -3.40
C GLN B 129 3.18 3.31 -3.74
N GLU B 130 3.56 2.46 -4.70
CA GLU B 130 4.97 2.43 -5.10
C GLU B 130 5.41 3.76 -5.69
N ILE B 131 4.53 4.41 -6.49
CA ILE B 131 4.89 5.64 -7.16
C ILE B 131 5.05 6.72 -6.09
N LEU B 132 4.07 6.82 -5.21
CA LEU B 132 4.08 7.89 -4.22
C LEU B 132 5.25 7.75 -3.23
N ASN B 133 5.73 6.53 -3.03
CA ASN B 133 6.88 6.23 -2.17
C ASN B 133 8.19 6.81 -2.68
N PHE B 134 8.26 7.18 -3.97
CA PHE B 134 9.42 7.97 -4.45
C PHE B 134 9.53 9.31 -3.73
N LEU B 135 8.41 9.86 -3.24
CA LEU B 135 8.49 11.12 -2.57
C LEU B 135 9.34 11.03 -1.32
N PHE B 136 9.51 9.86 -0.76
CA PHE B 136 10.26 9.74 0.49
C PHE B 136 11.74 9.49 0.24
N VAL B 137 12.17 9.40 -1.01
CA VAL B 137 13.60 9.22 -1.34
C VAL B 137 14.29 10.54 -1.04
N PRO B 138 15.39 10.56 -0.24
CA PRO B 138 16.04 11.82 0.11
C PRO B 138 16.48 12.63 -1.09
N GLY B 139 16.03 13.88 -1.15
CA GLY B 139 16.28 14.79 -2.22
C GLY B 139 15.38 14.63 -3.43
N PHE B 140 14.37 13.75 -3.36
CA PHE B 140 13.58 13.47 -4.56
C PHE B 140 12.96 14.74 -5.11
N SER B 141 12.24 15.48 -4.27
CA SER B 141 11.47 16.61 -4.80
C SER B 141 12.32 17.89 -4.88
N THR B 142 13.50 17.89 -4.24
CA THR B 142 14.31 19.10 -4.10
C THR B 142 14.41 19.82 -5.46
N GLY B 153 9.18 24.29 -0.12
CA GLY B 153 9.94 23.08 -0.45
C GLY B 153 10.28 22.24 0.79
N VAL B 154 9.26 21.60 1.39
CA VAL B 154 9.45 20.62 2.46
C VAL B 154 9.50 19.22 1.87
N GLY B 155 10.67 18.55 1.97
CA GLY B 155 10.82 17.17 1.53
C GLY B 155 10.12 16.15 2.44
N MET B 156 9.40 15.22 1.80
CA MET B 156 8.69 14.18 2.51
C MET B 156 9.69 13.30 3.24
N ASP B 157 10.95 13.21 2.74
CA ASP B 157 12.02 12.50 3.45
C ASP B 157 12.24 13.02 4.87
N VAL B 158 12.31 14.35 4.99
CA VAL B 158 12.56 15.00 6.28
C VAL B 158 11.40 14.75 7.26
N VAL B 159 10.19 14.78 6.73
CA VAL B 159 9.01 14.51 7.57
C VAL B 159 9.15 13.07 8.06
N LYS B 160 9.43 12.17 7.11
CA LYS B 160 9.46 10.77 7.45
C LYS B 160 10.57 10.52 8.49
N ASN B 161 11.72 11.14 8.36
CA ASN B 161 12.80 10.93 9.34
C ASN B 161 12.40 11.30 10.77
N VAL B 162 11.68 12.38 10.96
CA VAL B 162 11.13 12.66 12.27
C VAL B 162 10.13 11.63 12.72
N VAL B 163 9.13 11.32 11.86
CA VAL B 163 8.14 10.33 12.30
C VAL B 163 8.83 9.03 12.75
N GLU B 164 9.80 8.58 11.94
CA GLU B 164 10.53 7.33 12.21
C GLU B 164 11.30 7.44 13.50
N SER B 165 11.81 8.64 13.84
CA SER B 165 12.46 8.87 15.14
C SER B 165 11.49 8.68 16.30
N LEU B 166 10.17 8.76 16.06
CA LEU B 166 9.14 8.55 17.04
C LEU B 166 8.54 7.16 16.93
N ASN B 167 9.19 6.29 16.17
CA ASN B 167 8.74 4.92 15.92
C ASN B 167 7.36 4.91 15.26
N GLY B 168 7.09 5.92 14.43
CA GLY B 168 5.81 5.99 13.76
C GLY B 168 5.96 5.62 12.30
N SER B 169 4.86 5.64 11.60
CA SER B 169 4.81 5.34 10.17
C SER B 169 4.04 6.48 9.48
N ILE B 170 4.39 6.68 8.23
CA ILE B 170 3.69 7.72 7.46
C ILE B 170 3.22 7.13 6.12
N SER B 171 2.02 7.55 5.67
CA SER B 171 1.62 7.20 4.29
C SER B 171 0.97 8.37 3.59
N ILE B 172 0.95 8.27 2.25
CA ILE B 172 0.46 9.34 1.41
C ILE B 172 -0.52 8.68 0.46
N GLU B 173 -1.67 9.36 0.24
CA GLU B 173 -2.58 8.98 -0.83
C GLU B 173 -2.91 10.25 -1.57
N SER B 174 -3.06 10.15 -2.89
CA SER B 174 -3.24 11.37 -3.66
C SER B 174 -3.83 11.04 -5.00
N GLU B 175 -4.61 11.98 -5.55
CA GLU B 175 -5.16 11.75 -6.89
C GLU B 175 -5.20 13.13 -7.53
N LYS B 176 -4.82 13.20 -8.81
CA LYS B 176 -4.75 14.44 -9.53
C LYS B 176 -6.14 15.06 -9.62
N ASP B 177 -6.19 16.36 -9.27
CA ASP B 177 -7.39 17.17 -9.19
C ASP B 177 -8.28 16.86 -7.99
N LYS B 178 -8.01 15.86 -7.18
CA LYS B 178 -8.92 15.52 -6.12
C LYS B 178 -8.37 16.04 -4.77
N GLY B 179 -7.10 15.80 -4.53
CA GLY B 179 -6.42 16.18 -3.29
C GLY B 179 -5.45 15.12 -2.77
N THR B 180 -5.00 15.37 -1.54
CA THR B 180 -3.95 14.61 -0.92
C THR B 180 -4.25 14.35 0.54
N LYS B 181 -3.97 13.13 0.99
CA LYS B 181 -4.05 12.82 2.40
C LYS B 181 -2.75 12.20 2.85
N VAL B 182 -2.18 12.84 3.88
CA VAL B 182 -1.03 12.30 4.56
C VAL B 182 -1.47 11.80 5.92
N THR B 183 -1.08 10.57 6.24
CA THR B 183 -1.49 9.94 7.48
C THR B 183 -0.27 9.54 8.28
N ILE B 184 -0.24 9.94 9.54
CA ILE B 184 0.82 9.59 10.46
C ILE B 184 0.26 8.74 11.59
N ARG B 185 0.91 7.60 11.82
CA ARG B 185 0.53 6.71 12.91
C ARG B 185 1.64 6.73 13.95
N LEU B 186 1.28 6.90 15.22
CA LEU B 186 2.26 6.98 16.27
C LEU B 186 1.93 5.99 17.36
N PRO B 187 2.96 5.37 17.94
CA PRO B 187 2.72 4.35 18.99
C PRO B 187 2.32 5.06 20.27
N LEU B 188 1.71 4.33 21.23
CA LEU B 188 1.43 4.85 22.57
C LEU B 188 2.75 5.22 23.26
N THR B 189 3.71 4.29 23.12
CA THR B 189 5.04 4.37 23.69
C THR B 189 4.94 4.19 25.21
C4 WUT C . -1.72 -18.33 -0.03
C5 WUT C . -0.61 -18.42 1.86
N1 WUT C . -1.48 -18.71 4.38
N2 WUT C . -2.65 -18.43 0.86
C3 WUT C . -1.98 -18.51 2.08
N3 WUT C . -0.45 -18.33 0.49
C1 WUT C . -0.20 -18.66 4.03
C2 WUT C . -2.39 -18.62 3.39
N4 WUT C . 0.34 -18.52 2.82
H3 WUT C . -1.89 -18.24 -0.95
H4 WUT C . 0.31 -18.27 0.05
H1 WUT C . 0.43 -18.69 4.74
H2 WUT C . -3.30 -18.68 3.60
C4 WUT D . 0.02 18.05 0.14
C5 WUT D . 1.22 18.17 -1.67
N1 WUT D . 0.49 18.66 -4.22
N2 WUT D . -0.88 18.26 -0.79
C3 WUT D . -0.15 18.39 -1.97
N3 WUT D . 1.30 17.94 -0.33
C1 WUT D . 1.76 18.48 -3.80
C2 WUT D . -0.48 18.62 -3.29
N4 WUT D . 2.23 18.21 -2.57
H3 WUT D . -0.21 17.91 1.05
H4 WUT D . 2.04 17.80 0.16
H1 WUT D . 2.43 18.50 -4.48
H2 WUT D . -1.38 18.76 -3.54
#